data_9L0T
#
_entry.id   9L0T
#
_cell.length_a   46.937
_cell.length_b   61.486
_cell.length_c   64.716
_cell.angle_alpha   68.92
_cell.angle_beta   89.00
_cell.angle_gamma   67.83
#
_symmetry.space_group_name_H-M   'P 1'
#
loop_
_entity.id
_entity.type
_entity.pdbx_description
1 polymer 'WD repeat-containing protein 5'
2 polymer 'RNA-binding protein 15'
3 water water
#
loop_
_entity_poly.entity_id
_entity_poly.type
_entity_poly.pdbx_seq_one_letter_code
_entity_poly.pdbx_strand_id
1 'polypeptide(L)'
;GSHMTQSKPTPVKPNYALKFTLAGHTKAVSSVKFSPNGEWLASSSADKLIKIWGAYDGKFEKTISGHKLGISDVAWSSDS
NLLVSASDDKTLKIWDVSSGKCLKTLKGHSNYVFCCNFNPQSNLIVSGSFDESVRIWDVKTGKCLKTLPAHSDPVSAVHF
NRDGSLIVSSSYDGLCRIWDTASGQCLKTLIDDDNPPVSFVKFSPNGKYILAATLDNTLKLWDYSKGKCLKTYTGHKNEK
YCIFANFSVTGGKWIVSGSEDNLVYIWNLQTKEIVQKLQGHTDVVISTACHPTENIIASAALENDKTIKLWKSDC
;
B,A
2 'polypeptide(L)' MRTAG D,C
#
# COMPACT_ATOMS: atom_id res chain seq x y z
N VAL A 12 18.72 5.84 21.50
CA VAL A 12 18.02 5.75 20.23
C VAL A 12 16.51 5.77 20.47
N LYS A 13 15.80 6.62 19.74
CA LYS A 13 14.36 6.75 19.87
C LYS A 13 13.75 6.94 18.49
N PRO A 14 12.50 6.52 18.29
CA PRO A 14 11.82 6.77 17.03
C PRO A 14 11.19 8.15 17.02
N ASN A 15 10.77 8.57 15.83
CA ASN A 15 10.19 9.90 15.63
C ASN A 15 8.93 9.81 14.78
N TYR A 16 8.03 8.88 15.15
CA TYR A 16 6.78 8.74 14.44
C TYR A 16 6.03 10.07 14.40
N ALA A 17 5.62 10.47 13.19
CA ALA A 17 4.85 11.67 12.97
C ALA A 17 3.62 11.33 12.14
N LEU A 18 2.54 12.07 12.41
CA LEU A 18 1.26 11.81 11.75
C LEU A 18 1.35 12.17 10.27
N LYS A 19 0.91 11.26 9.42
CA LYS A 19 0.92 11.45 7.97
C LYS A 19 -0.47 11.51 7.37
N PHE A 20 -1.41 10.69 7.86
CA PHE A 20 -2.77 10.72 7.35
C PHE A 20 -3.75 10.42 8.46
N THR A 21 -4.96 10.97 8.34
CA THR A 21 -6.09 10.62 9.18
C THR A 21 -7.19 10.11 8.25
N LEU A 22 -7.64 8.88 8.48
CA LEU A 22 -8.60 8.22 7.60
C LEU A 22 -9.96 8.18 8.28
N ALA A 23 -10.95 8.80 7.65
CA ALA A 23 -12.30 8.88 8.18
C ALA A 23 -13.25 8.14 7.24
N GLY A 24 -14.39 7.71 7.79
CA GLY A 24 -15.36 6.97 7.02
C GLY A 24 -16.16 5.93 7.80
N HIS A 25 -15.62 5.40 8.89
CA HIS A 25 -16.44 4.58 9.77
C HIS A 25 -17.44 5.46 10.51
N THR A 26 -18.67 4.95 10.66
CA THR A 26 -19.74 5.71 11.32
C THR A 26 -19.90 5.37 12.79
N LYS A 27 -19.19 4.38 13.30
CA LYS A 27 -19.10 4.12 14.73
C LYS A 27 -17.65 3.86 15.08
N ALA A 28 -17.40 3.54 16.34
CA ALA A 28 -16.05 3.30 16.82
C ALA A 28 -15.36 2.24 15.97
N VAL A 29 -14.06 2.44 15.73
CA VAL A 29 -13.23 1.44 15.07
C VAL A 29 -12.80 0.41 16.11
N SER A 30 -12.73 -0.85 15.71
CA SER A 30 -12.36 -1.91 16.65
C SER A 30 -10.99 -2.52 16.40
N SER A 31 -10.55 -2.60 15.15
CA SER A 31 -9.29 -3.26 14.84
C SER A 31 -8.76 -2.80 13.50
N VAL A 32 -7.45 -2.59 13.42
CA VAL A 32 -6.77 -2.32 12.15
C VAL A 32 -5.63 -3.31 12.00
N LYS A 33 -5.40 -3.77 10.77
CA LYS A 33 -4.34 -4.73 10.46
C LYS A 33 -3.75 -4.46 9.09
N PHE A 34 -2.43 -4.47 9.00
CA PHE A 34 -1.74 -4.37 7.71
C PHE A 34 -1.72 -5.71 6.99
N SER A 35 -1.92 -5.69 5.67
CA SER A 35 -1.78 -6.90 4.88
C SER A 35 -0.33 -7.38 4.92
N PRO A 36 -0.12 -8.69 4.86
CA PRO A 36 1.27 -9.19 4.86
C PRO A 36 2.12 -8.68 3.71
N ASN A 37 1.53 -8.37 2.55
CA ASN A 37 2.36 -7.80 1.49
C ASN A 37 2.60 -6.31 1.68
N GLY A 38 2.04 -5.71 2.73
CA GLY A 38 2.26 -4.32 3.05
C GLY A 38 1.44 -3.33 2.26
N GLU A 39 0.60 -3.81 1.33
CA GLU A 39 -0.14 -2.93 0.43
C GLU A 39 -1.29 -2.22 1.12
N TRP A 40 -1.95 -2.91 2.05
CA TRP A 40 -3.28 -2.51 2.49
C TRP A 40 -3.35 -2.42 4.01
N LEU A 41 -4.26 -1.57 4.48
CA LEU A 41 -4.70 -1.59 5.86
C LEU A 41 -6.18 -1.92 5.88
N ALA A 42 -6.55 -2.93 6.65
CA ALA A 42 -7.94 -3.30 6.85
C ALA A 42 -8.39 -2.79 8.21
N SER A 43 -9.61 -2.31 8.29
CA SER A 43 -10.18 -1.85 9.55
C SER A 43 -11.56 -2.46 9.72
N SER A 44 -11.91 -2.80 10.96
CA SER A 44 -13.23 -3.29 11.28
C SER A 44 -13.87 -2.33 12.27
N SER A 45 -15.20 -2.37 12.37
CA SER A 45 -15.83 -1.36 13.20
C SER A 45 -17.12 -1.85 13.81
N ALA A 46 -17.56 -1.14 14.85
CA ALA A 46 -18.89 -1.37 15.40
C ALA A 46 -19.99 -1.06 14.39
N ASP A 47 -19.67 -0.37 13.30
CA ASP A 47 -20.65 -0.05 12.28
C ASP A 47 -20.96 -1.23 11.35
N LYS A 48 -20.52 -2.45 11.69
CA LYS A 48 -20.75 -3.69 10.96
C LYS A 48 -19.93 -3.77 9.68
N LEU A 49 -18.97 -2.87 9.49
CA LEU A 49 -18.27 -2.76 8.23
C LEU A 49 -16.78 -3.07 8.39
N ILE A 50 -16.21 -3.54 7.28
CA ILE A 50 -14.77 -3.63 7.07
C ILE A 50 -14.41 -2.62 5.98
N LYS A 51 -13.35 -1.87 6.18
CA LYS A 51 -12.89 -0.92 5.19
C LYS A 51 -11.43 -1.20 4.84
N ILE A 52 -11.11 -1.08 3.55
CA ILE A 52 -9.78 -1.33 3.03
C ILE A 52 -9.22 -0.02 2.51
N TRP A 53 -8.00 0.32 2.96
CA TRP A 53 -7.30 1.58 2.67
C TRP A 53 -5.91 1.27 2.14
N GLY A 54 -5.41 2.15 1.26
CA GLY A 54 -4.03 2.05 0.82
C GLY A 54 -3.07 2.36 1.96
N ALA A 55 -2.14 1.44 2.22
CA ALA A 55 -1.29 1.54 3.41
C ALA A 55 -0.33 2.72 3.35
N TYR A 56 0.02 3.20 2.16
CA TYR A 56 1.08 4.19 2.02
C TYR A 56 0.57 5.60 1.76
N ASP A 57 -0.58 5.77 1.12
CA ASP A 57 -1.17 7.09 0.93
C ASP A 57 -2.49 7.26 1.65
N GLY A 58 -2.97 6.24 2.35
CA GLY A 58 -4.21 6.37 3.10
C GLY A 58 -5.45 6.44 2.26
N LYS A 59 -5.35 6.20 0.96
CA LYS A 59 -6.51 6.31 0.07
C LYS A 59 -7.52 5.21 0.39
N PHE A 60 -8.78 5.61 0.58
CA PHE A 60 -9.83 4.64 0.79
C PHE A 60 -10.00 3.79 -0.46
N GLU A 61 -10.04 2.47 -0.28
CA GLU A 61 -10.18 1.57 -1.41
C GLU A 61 -11.57 0.96 -1.50
N LYS A 62 -12.09 0.38 -0.42
CA LYS A 62 -13.45 -0.17 -0.54
C LYS A 62 -14.06 -0.48 0.82
N THR A 63 -15.37 -0.75 0.80
CA THR A 63 -16.13 -1.19 1.97
C THR A 63 -16.65 -2.60 1.72
N ILE A 64 -16.54 -3.45 2.74
CA ILE A 64 -16.97 -4.84 2.72
C ILE A 64 -17.99 -5.02 3.83
N SER A 65 -19.18 -5.52 3.47
CA SER A 65 -20.32 -5.56 4.38
C SER A 65 -21.02 -6.91 4.28
N GLY A 66 -21.89 -7.16 5.27
CA GLY A 66 -22.64 -8.39 5.34
C GLY A 66 -22.90 -8.89 6.75
N HIS A 67 -22.04 -8.52 7.70
CA HIS A 67 -22.29 -8.88 9.09
C HIS A 67 -23.55 -8.19 9.60
N LYS A 68 -24.34 -8.90 10.41
CA LYS A 68 -25.58 -8.35 10.94
C LYS A 68 -25.37 -7.49 12.17
N LEU A 69 -24.21 -7.58 12.81
CA LEU A 69 -23.88 -6.78 13.97
C LEU A 69 -22.41 -6.36 13.86
N GLY A 70 -21.94 -5.64 14.87
CA GLY A 70 -20.60 -5.06 14.82
C GLY A 70 -19.52 -6.12 14.78
N ILE A 71 -18.32 -5.66 14.41
CA ILE A 71 -17.14 -6.49 14.21
C ILE A 71 -16.06 -6.04 15.18
N SER A 72 -15.49 -7.00 15.92
CA SER A 72 -14.46 -6.70 16.91
C SER A 72 -13.03 -6.96 16.41
N ASP A 73 -12.85 -7.74 15.35
CA ASP A 73 -11.51 -8.10 14.92
C ASP A 73 -11.52 -8.50 13.46
N VAL A 74 -10.35 -8.41 12.82
CA VAL A 74 -10.18 -8.78 11.42
C VAL A 74 -8.74 -9.25 11.25
N ALA A 75 -8.53 -10.15 10.28
CA ALA A 75 -7.20 -10.70 10.07
C ALA A 75 -7.03 -11.11 8.61
N TRP A 76 -5.78 -11.08 8.15
CA TRP A 76 -5.40 -11.34 6.77
C TRP A 76 -4.82 -12.74 6.60
N SER A 77 -5.08 -13.34 5.44
CA SER A 77 -4.35 -14.54 5.05
C SER A 77 -2.93 -14.16 4.65
N SER A 78 -2.06 -15.18 4.62
CA SER A 78 -0.65 -14.93 4.33
C SER A 78 -0.44 -14.34 2.95
N ASP A 79 -1.26 -14.72 1.97
CA ASP A 79 -1.12 -14.23 0.60
C ASP A 79 -1.86 -12.93 0.36
N SER A 80 -2.43 -12.32 1.41
CA SER A 80 -3.09 -11.02 1.35
C SER A 80 -4.35 -11.03 0.48
N ASN A 81 -4.88 -12.22 0.15
CA ASN A 81 -6.04 -12.32 -0.71
C ASN A 81 -7.35 -12.51 0.06
N LEU A 82 -7.28 -12.93 1.32
CA LEU A 82 -8.45 -13.22 2.13
C LEU A 82 -8.44 -12.40 3.41
N LEU A 83 -9.64 -12.12 3.92
CA LEU A 83 -9.79 -11.59 5.27
C LEU A 83 -10.74 -12.46 6.06
N VAL A 84 -10.55 -12.51 7.38
CA VAL A 84 -11.54 -13.10 8.27
C VAL A 84 -11.95 -12.04 9.28
N SER A 85 -13.24 -11.99 9.60
CA SER A 85 -13.79 -11.03 10.53
C SER A 85 -14.59 -11.75 11.60
N ALA A 86 -14.55 -11.20 12.82
CA ALA A 86 -15.23 -11.74 13.98
C ALA A 86 -16.27 -10.75 14.49
N SER A 87 -17.51 -11.19 14.65
CA SER A 87 -18.63 -10.29 14.84
C SER A 87 -19.49 -10.70 16.02
N ASP A 88 -20.22 -9.72 16.55
CA ASP A 88 -21.20 -9.97 17.61
C ASP A 88 -22.39 -10.77 17.11
N ASP A 89 -22.55 -10.92 15.79
CA ASP A 89 -23.62 -11.78 15.27
C ASP A 89 -23.30 -13.28 15.43
N LYS A 90 -22.28 -13.58 16.23
CA LYS A 90 -21.83 -14.92 16.62
C LYS A 90 -21.14 -15.68 15.52
N THR A 91 -20.88 -15.05 14.37
CA THR A 91 -20.23 -15.75 13.27
C THR A 91 -18.89 -15.12 12.97
N LEU A 92 -18.07 -15.89 12.26
CA LEU A 92 -16.94 -15.31 11.54
C LEU A 92 -17.28 -15.33 10.06
N LYS A 93 -16.63 -14.43 9.31
CA LYS A 93 -16.81 -14.45 7.86
C LYS A 93 -15.46 -14.41 7.16
N ILE A 94 -15.31 -15.25 6.15
CA ILE A 94 -14.14 -15.25 5.27
C ILE A 94 -14.52 -14.56 3.97
N TRP A 95 -13.74 -13.53 3.63
CA TRP A 95 -13.98 -12.60 2.53
C TRP A 95 -12.86 -12.67 1.51
N ASP A 96 -13.24 -12.68 0.23
CA ASP A 96 -12.33 -12.43 -0.88
C ASP A 96 -12.12 -10.92 -1.02
N VAL A 97 -10.88 -10.47 -0.82
CA VAL A 97 -10.61 -9.04 -0.71
C VAL A 97 -10.86 -8.33 -2.04
N SER A 98 -10.43 -8.92 -3.15
CA SER A 98 -10.55 -8.23 -4.44
C SER A 98 -12.01 -8.05 -4.83
N SER A 99 -12.85 -9.07 -4.60
CA SER A 99 -14.26 -9.02 -4.95
C SER A 99 -15.18 -8.51 -3.83
N GLY A 100 -14.70 -8.44 -2.59
CA GLY A 100 -15.51 -8.01 -1.45
C GLY A 100 -16.60 -9.01 -1.12
N LYS A 101 -16.57 -10.18 -1.74
CA LYS A 101 -17.63 -11.20 -1.55
C LYS A 101 -17.40 -12.05 -0.29
N CYS A 102 -18.50 -12.48 0.34
CA CYS A 102 -18.34 -13.30 1.52
C CYS A 102 -18.17 -14.74 1.07
N LEU A 103 -16.96 -15.29 1.21
CA LEU A 103 -16.76 -16.66 0.75
C LEU A 103 -17.40 -17.68 1.71
N LYS A 104 -17.24 -17.47 3.02
CA LYS A 104 -17.79 -18.42 3.98
C LYS A 104 -18.30 -17.72 5.23
N THR A 105 -19.30 -18.33 5.88
CA THR A 105 -19.76 -17.93 7.20
C THR A 105 -19.54 -19.09 8.17
N LEU A 106 -18.74 -18.83 9.21
CA LEU A 106 -18.33 -19.86 10.17
C LEU A 106 -19.19 -19.71 11.41
N LYS A 107 -20.09 -20.68 11.60
CA LYS A 107 -21.07 -20.70 12.67
C LYS A 107 -20.78 -21.83 13.66
N GLY A 108 -21.15 -21.59 14.92
CA GLY A 108 -20.88 -22.54 15.98
C GLY A 108 -20.61 -21.88 17.32
N HIS A 109 -20.06 -20.67 17.32
CA HIS A 109 -19.98 -19.91 18.56
C HIS A 109 -21.38 -19.54 19.03
N SER A 110 -21.57 -19.53 20.34
CA SER A 110 -22.87 -19.25 20.94
C SER A 110 -22.95 -17.88 21.59
N ASN A 111 -21.97 -17.02 21.34
CA ASN A 111 -21.93 -15.65 21.82
C ASN A 111 -21.03 -14.86 20.88
N TYR A 112 -20.74 -13.60 21.24
CA TYR A 112 -19.92 -12.75 20.38
C TYR A 112 -18.59 -13.42 20.06
N VAL A 113 -18.17 -13.32 18.80
CA VAL A 113 -16.81 -13.68 18.42
C VAL A 113 -15.95 -12.43 18.52
N PHE A 114 -14.88 -12.50 19.30
CA PHE A 114 -14.12 -11.33 19.72
C PHE A 114 -12.78 -11.18 19.00
N CYS A 115 -12.15 -12.29 18.60
CA CYS A 115 -10.81 -12.25 18.05
C CYS A 115 -10.62 -13.38 17.04
N CYS A 116 -9.68 -13.19 16.11
CA CYS A 116 -9.45 -14.16 15.06
C CYS A 116 -8.06 -14.00 14.46
N ASN A 117 -7.56 -15.08 13.85
CA ASN A 117 -6.26 -15.06 13.19
C ASN A 117 -6.15 -16.26 12.26
N PHE A 118 -5.53 -16.05 11.09
CA PHE A 118 -5.09 -17.14 10.24
C PHE A 118 -3.78 -17.71 10.80
N ASN A 119 -3.54 -19.00 10.54
CA ASN A 119 -2.20 -19.51 10.76
C ASN A 119 -1.31 -19.13 9.58
N PRO A 120 0.02 -19.21 9.73
CA PRO A 120 0.92 -18.81 8.63
C PRO A 120 0.61 -19.54 7.33
N GLN A 121 0.33 -20.85 7.40
CA GLN A 121 -0.11 -21.59 6.23
C GLN A 121 -1.38 -20.99 5.64
N SER A 122 -2.25 -20.49 6.52
CA SER A 122 -3.55 -19.89 6.18
C SER A 122 -4.55 -20.93 5.70
N ASN A 123 -4.35 -22.21 6.02
CA ASN A 123 -5.39 -23.21 5.86
C ASN A 123 -6.32 -23.30 7.06
N LEU A 124 -5.98 -22.65 8.17
CA LEU A 124 -6.77 -22.69 9.40
C LEU A 124 -7.06 -21.27 9.88
N ILE A 125 -8.17 -21.13 10.60
CA ILE A 125 -8.49 -19.91 11.34
C ILE A 125 -8.73 -20.28 12.80
N VAL A 126 -8.19 -19.48 13.71
CA VAL A 126 -8.47 -19.61 15.15
C VAL A 126 -9.32 -18.43 15.58
N SER A 127 -10.27 -18.69 16.47
CA SER A 127 -11.20 -17.68 16.95
C SER A 127 -11.42 -17.83 18.44
N GLY A 128 -11.66 -16.70 19.10
CA GLY A 128 -12.01 -16.69 20.52
C GLY A 128 -13.32 -15.96 20.71
N SER A 129 -14.08 -16.38 21.72
CA SER A 129 -15.43 -15.86 21.86
C SER A 129 -15.78 -15.58 23.31
N PHE A 130 -16.80 -14.75 23.48
CA PHE A 130 -17.37 -14.52 24.81
C PHE A 130 -18.01 -15.78 25.36
N ASP A 131 -18.28 -16.79 24.52
CA ASP A 131 -18.75 -18.09 24.99
C ASP A 131 -17.65 -18.92 25.68
N GLU A 132 -16.49 -18.30 25.91
CA GLU A 132 -15.36 -18.83 26.67
C GLU A 132 -14.59 -19.92 25.93
N SER A 133 -14.88 -20.17 24.65
CA SER A 133 -14.24 -21.23 23.90
C SER A 133 -13.29 -20.66 22.85
N VAL A 134 -12.38 -21.53 22.39
CA VAL A 134 -11.51 -21.22 21.25
C VAL A 134 -11.82 -22.23 20.16
N ARG A 135 -12.03 -21.75 18.93
CA ARG A 135 -12.41 -22.63 17.84
C ARG A 135 -11.38 -22.59 16.71
N ILE A 136 -11.09 -23.75 16.15
CA ILE A 136 -10.20 -23.90 14.99
C ILE A 136 -11.02 -24.38 13.80
N TRP A 137 -10.95 -23.62 12.70
CA TRP A 137 -11.78 -23.75 11.51
C TRP A 137 -10.93 -24.04 10.27
N ASP A 138 -11.51 -24.83 9.35
CA ASP A 138 -10.88 -25.14 8.07
C ASP A 138 -11.25 -24.04 7.07
N VAL A 139 -10.23 -23.40 6.49
CA VAL A 139 -10.48 -22.27 5.59
C VAL A 139 -11.24 -22.72 4.34
N LYS A 140 -10.82 -23.84 3.75
CA LYS A 140 -11.38 -24.25 2.46
C LYS A 140 -12.87 -24.57 2.58
N THR A 141 -13.27 -25.28 3.62
CA THR A 141 -14.64 -25.73 3.78
C THR A 141 -15.47 -24.90 4.75
N GLY A 142 -14.82 -24.14 5.64
CA GLY A 142 -15.58 -23.40 6.62
C GLY A 142 -16.14 -24.22 7.76
N LYS A 143 -15.77 -25.49 7.88
CA LYS A 143 -16.25 -26.32 8.96
C LYS A 143 -15.39 -26.12 10.21
N CYS A 144 -16.02 -26.24 11.37
CA CYS A 144 -15.28 -26.21 12.62
C CYS A 144 -14.51 -27.50 12.80
N LEU A 145 -13.19 -27.39 12.95
CA LEU A 145 -12.38 -28.59 13.16
C LEU A 145 -12.27 -28.95 14.63
N LYS A 146 -12.10 -27.95 15.49
CA LYS A 146 -11.97 -28.25 16.91
C LYS A 146 -12.58 -27.14 17.74
N THR A 147 -13.18 -27.53 18.87
CA THR A 147 -13.67 -26.61 19.89
C THR A 147 -12.90 -26.90 21.17
N LEU A 148 -12.15 -25.92 21.64
CA LEU A 148 -11.38 -26.06 22.87
C LEU A 148 -12.11 -25.34 24.00
N PRO A 149 -12.40 -26.04 25.10
CA PRO A 149 -12.94 -25.37 26.29
C PRO A 149 -11.82 -24.59 26.96
N ALA A 150 -11.44 -23.48 26.34
CA ALA A 150 -10.14 -22.87 26.62
C ALA A 150 -10.14 -22.12 27.94
N HIS A 151 -11.28 -21.57 28.37
CA HIS A 151 -11.28 -20.58 29.44
C HIS A 151 -12.63 -20.63 30.17
N SER A 152 -12.66 -19.98 31.34
CA SER A 152 -13.89 -19.82 32.12
C SER A 152 -14.37 -18.36 32.13
N ASP A 153 -13.95 -17.57 31.15
CA ASP A 153 -14.41 -16.20 30.96
C ASP A 153 -14.21 -15.86 29.50
N PRO A 154 -14.72 -14.71 29.04
CA PRO A 154 -14.58 -14.37 27.61
C PRO A 154 -13.13 -14.39 27.15
N VAL A 155 -12.92 -14.84 25.91
CA VAL A 155 -11.60 -14.97 25.33
C VAL A 155 -11.28 -13.67 24.58
N SER A 156 -10.24 -12.99 25.01
CA SER A 156 -9.91 -11.66 24.51
C SER A 156 -8.97 -11.66 23.32
N ALA A 157 -8.15 -12.71 23.16
CA ALA A 157 -7.21 -12.75 22.05
C ALA A 157 -6.83 -14.19 21.75
N VAL A 158 -6.50 -14.42 20.47
CA VAL A 158 -5.98 -15.70 19.99
C VAL A 158 -4.95 -15.40 18.91
N HIS A 159 -3.86 -16.17 18.89
CA HIS A 159 -2.78 -15.91 17.95
C HIS A 159 -2.00 -17.20 17.69
N PHE A 160 -1.62 -17.42 16.43
CA PHE A 160 -0.74 -18.54 16.08
C PHE A 160 0.71 -18.10 16.15
N ASN A 161 1.59 -19.07 16.40
CA ASN A 161 3.02 -18.79 16.32
C ASN A 161 3.45 -18.82 14.85
N ARG A 162 4.74 -18.58 14.60
CA ARG A 162 5.19 -18.36 13.23
C ARG A 162 5.22 -19.62 12.38
N ASP A 163 5.16 -20.81 12.97
CA ASP A 163 5.00 -22.02 12.20
C ASP A 163 3.58 -22.60 12.27
N GLY A 164 2.71 -22.03 13.09
CA GLY A 164 1.35 -22.49 13.21
C GLY A 164 1.19 -23.71 14.08
N SER A 165 2.25 -24.18 14.72
CA SER A 165 2.19 -25.34 15.59
C SER A 165 1.56 -25.03 16.94
N LEU A 166 1.52 -23.77 17.33
CA LEU A 166 0.99 -23.36 18.63
C LEU A 166 -0.04 -22.26 18.49
N ILE A 167 -0.98 -22.24 19.44
CA ILE A 167 -1.95 -21.17 19.61
C ILE A 167 -1.80 -20.62 21.02
N VAL A 168 -1.83 -19.30 21.17
CA VAL A 168 -1.90 -18.68 22.48
C VAL A 168 -3.24 -17.96 22.61
N SER A 169 -3.88 -18.13 23.76
CA SER A 169 -5.15 -17.48 24.05
C SER A 169 -5.09 -16.79 25.40
N SER A 170 -5.90 -15.75 25.54
CA SER A 170 -6.00 -14.97 26.77
C SER A 170 -7.47 -14.77 27.10
N SER A 171 -7.75 -14.52 28.38
CA SER A 171 -9.14 -14.43 28.80
C SER A 171 -9.25 -13.52 30.01
N TYR A 172 -10.48 -13.05 30.25
CA TYR A 172 -10.78 -12.31 31.46
C TYR A 172 -10.59 -13.16 32.71
N ASP A 173 -10.49 -14.48 32.55
CA ASP A 173 -10.28 -15.36 33.71
C ASP A 173 -8.89 -15.19 34.32
N GLY A 174 -8.01 -14.43 33.70
CA GLY A 174 -6.69 -14.17 34.22
C GLY A 174 -5.60 -15.06 33.71
N LEU A 175 -5.91 -15.97 32.80
CA LEU A 175 -4.96 -16.97 32.32
C LEU A 175 -4.45 -16.65 30.91
N CYS A 176 -3.23 -17.09 30.63
CA CYS A 176 -2.75 -17.24 29.26
C CYS A 176 -2.51 -18.72 28.99
N ARG A 177 -2.99 -19.23 27.87
CA ARG A 177 -2.81 -20.66 27.61
C ARG A 177 -2.19 -20.90 26.24
N ILE A 178 -1.23 -21.82 26.20
CA ILE A 178 -0.56 -22.28 24.99
C ILE A 178 -1.08 -23.67 24.65
N TRP A 179 -1.53 -23.82 23.40
CA TRP A 179 -2.18 -25.02 22.87
C TRP A 179 -1.42 -25.57 21.67
N ASP A 180 -1.30 -26.89 21.65
CA ASP A 180 -0.83 -27.60 20.48
C ASP A 180 -1.91 -27.55 19.41
N THR A 181 -1.62 -26.93 18.26
CA THR A 181 -2.65 -26.77 17.24
C THR A 181 -3.15 -28.10 16.71
N ALA A 182 -2.22 -29.04 16.45
CA ALA A 182 -2.60 -30.28 15.81
C ALA A 182 -3.55 -31.10 16.68
N SER A 183 -3.30 -31.15 17.98
CA SER A 183 -4.06 -31.98 18.88
C SER A 183 -5.09 -31.21 19.69
N GLY A 184 -4.95 -29.90 19.81
CA GLY A 184 -5.85 -29.13 20.64
C GLY A 184 -5.57 -29.23 22.13
N GLN A 185 -4.49 -29.90 22.52
CA GLN A 185 -4.16 -30.08 23.93
C GLN A 185 -3.44 -28.85 24.47
N CYS A 186 -3.73 -28.51 25.72
CA CYS A 186 -3.06 -27.38 26.38
C CYS A 186 -1.64 -27.76 26.77
N LEU A 187 -0.67 -27.07 26.18
CA LEU A 187 0.73 -27.28 26.54
C LEU A 187 1.17 -26.46 27.75
N LYS A 188 0.57 -25.29 27.98
CA LYS A 188 1.04 -24.49 29.10
C LYS A 188 -0.03 -23.51 29.54
N THR A 189 -0.11 -23.28 30.86
CA THR A 189 -0.95 -22.24 31.43
C THR A 189 -0.09 -21.29 32.25
N LEU A 190 -0.21 -19.99 31.96
CA LEU A 190 0.43 -18.93 32.72
C LEU A 190 -0.59 -18.28 33.64
N ILE A 191 -0.28 -18.31 34.93
CA ILE A 191 -0.98 -17.67 36.05
C ILE A 191 -0.07 -16.60 36.60
N ASP A 192 -0.65 -15.52 37.14
CA ASP A 192 0.24 -14.49 37.64
C ASP A 192 -0.45 -13.89 38.88
N ASP A 193 0.11 -14.10 40.06
CA ASP A 193 -0.28 -13.33 41.24
C ASP A 193 -1.77 -13.31 41.57
N ASP A 194 -2.42 -12.14 41.43
CA ASP A 194 -3.82 -11.96 41.77
C ASP A 194 -4.72 -11.93 40.54
N ASN A 195 -4.35 -12.69 39.51
CA ASN A 195 -5.22 -13.00 38.38
C ASN A 195 -5.95 -11.80 37.78
N PRO A 196 -5.26 -10.74 37.37
CA PRO A 196 -5.94 -9.65 36.67
C PRO A 196 -6.40 -10.12 35.29
N PRO A 197 -7.55 -9.61 34.81
CA PRO A 197 -8.02 -10.05 33.49
C PRO A 197 -6.98 -9.79 32.41
N VAL A 198 -6.81 -10.76 31.52
CA VAL A 198 -5.88 -10.65 30.40
C VAL A 198 -6.66 -10.21 29.18
N SER A 199 -6.35 -9.03 28.68
CA SER A 199 -7.12 -8.38 27.63
C SER A 199 -6.52 -8.57 26.24
N PHE A 200 -5.28 -9.04 26.15
CA PHE A 200 -4.64 -9.23 24.86
C PHE A 200 -3.40 -10.10 25.04
N VAL A 201 -3.08 -10.86 24.00
CA VAL A 201 -1.88 -11.69 23.99
C VAL A 201 -1.48 -11.96 22.56
N LYS A 202 -0.18 -12.10 22.31
CA LYS A 202 0.31 -12.49 20.99
C LYS A 202 1.77 -12.92 21.09
N PHE A 203 2.16 -13.79 20.16
CA PHE A 203 3.52 -14.30 20.06
C PHE A 203 4.45 -13.24 19.49
N SER A 204 5.73 -13.30 19.90
CA SER A 204 6.75 -12.51 19.24
C SER A 204 7.00 -13.07 17.85
N PRO A 205 7.56 -12.25 16.93
CA PRO A 205 7.86 -12.76 15.59
C PRO A 205 8.73 -14.01 15.60
N ASN A 206 9.63 -14.12 16.57
CA ASN A 206 10.47 -15.32 16.66
C ASN A 206 9.73 -16.49 17.31
N GLY A 207 8.57 -16.22 17.93
CA GLY A 207 7.78 -17.28 18.53
C GLY A 207 8.27 -17.75 19.88
N LYS A 208 9.29 -17.13 20.47
CA LYS A 208 9.81 -17.57 21.75
C LYS A 208 9.18 -16.85 22.94
N TYR A 209 8.63 -15.66 22.74
CA TYR A 209 8.06 -14.86 23.82
C TYR A 209 6.59 -14.55 23.55
N ILE A 210 5.80 -14.36 24.61
CA ILE A 210 4.45 -13.85 24.44
C ILE A 210 4.30 -12.52 25.16
N LEU A 211 3.70 -11.55 24.49
CA LEU A 211 3.33 -10.27 25.07
C LEU A 211 1.87 -10.33 25.53
N ALA A 212 1.63 -10.05 26.81
CA ALA A 212 0.29 -10.13 27.39
C ALA A 212 -0.06 -8.82 28.05
N ALA A 213 -1.25 -8.30 27.74
CA ALA A 213 -1.78 -7.11 28.39
C ALA A 213 -2.79 -7.51 29.46
N THR A 214 -2.71 -6.87 30.62
CA THR A 214 -3.67 -7.10 31.67
C THR A 214 -4.38 -5.81 32.05
N LEU A 215 -5.61 -5.93 32.55
CA LEU A 215 -6.43 -4.75 32.78
C LEU A 215 -6.07 -4.09 34.11
N ASP A 216 -4.77 -3.90 34.33
CA ASP A 216 -4.23 -3.15 35.46
C ASP A 216 -3.15 -2.20 34.96
N ASN A 217 -3.32 -1.69 33.74
CA ASN A 217 -2.39 -0.74 33.11
C ASN A 217 -0.99 -1.34 32.96
N THR A 218 -0.93 -2.61 32.54
CA THR A 218 0.35 -3.31 32.47
C THR A 218 0.45 -4.19 31.23
N LEU A 219 1.62 -4.17 30.59
CA LEU A 219 2.02 -5.15 29.59
C LEU A 219 3.19 -5.96 30.13
N LYS A 220 3.22 -7.26 29.83
CA LYS A 220 4.32 -8.10 30.25
C LYS A 220 4.83 -8.96 29.09
N LEU A 221 6.15 -9.11 29.02
CA LEU A 221 6.81 -10.01 28.09
C LEU A 221 7.25 -11.24 28.86
N TRP A 222 6.74 -12.41 28.44
CA TRP A 222 6.90 -13.69 29.11
C TRP A 222 7.69 -14.68 28.25
N ASP A 223 8.49 -15.49 28.94
CA ASP A 223 9.00 -16.77 28.42
C ASP A 223 8.07 -17.85 28.94
N TYR A 224 7.20 -18.36 28.07
CA TYR A 224 6.11 -19.23 28.51
C TYR A 224 6.58 -20.64 28.83
N SER A 225 7.64 -21.12 28.19
CA SER A 225 8.16 -22.45 28.51
C SER A 225 8.65 -22.51 29.95
N LYS A 226 9.49 -21.54 30.34
CA LYS A 226 9.97 -21.47 31.71
C LYS A 226 8.90 -20.90 32.64
N GLY A 227 8.01 -20.07 32.10
CA GLY A 227 6.99 -19.45 32.91
C GLY A 227 7.41 -18.16 33.57
N LYS A 228 8.43 -17.49 33.03
CA LYS A 228 8.99 -16.31 33.66
C LYS A 228 8.64 -15.07 32.85
N CYS A 229 8.24 -14.03 33.56
CA CYS A 229 8.05 -12.71 32.98
C CYS A 229 9.41 -12.04 32.90
N LEU A 230 9.82 -11.65 31.69
CA LEU A 230 11.12 -11.03 31.53
C LEU A 230 11.05 -9.52 31.50
N LYS A 231 9.92 -8.95 31.06
CA LYS A 231 9.83 -7.50 31.04
C LYS A 231 8.42 -7.05 31.40
N THR A 232 8.32 -5.84 31.92
CA THR A 232 7.03 -5.19 32.15
C THR A 232 7.08 -3.77 31.60
N TYR A 233 5.97 -3.34 31.02
CA TYR A 233 5.85 -2.03 30.40
C TYR A 233 4.62 -1.34 31.00
N THR A 234 4.83 -0.13 31.54
CA THR A 234 3.78 0.62 32.21
C THR A 234 3.87 2.08 31.81
N GLY A 235 2.95 2.88 32.37
CA GLY A 235 2.83 4.29 32.06
C GLY A 235 1.59 4.63 31.25
N HIS A 236 1.01 3.64 30.57
CA HIS A 236 -0.22 3.82 29.83
C HIS A 236 -1.42 3.47 30.70
N LYS A 237 -2.62 3.69 30.17
CA LYS A 237 -3.87 3.41 30.87
C LYS A 237 -4.62 2.29 30.16
N ASN A 238 -4.80 1.17 30.84
CA ASN A 238 -5.55 0.04 30.27
C ASN A 238 -6.25 -0.69 31.43
N GLU A 239 -7.53 -0.41 31.61
CA GLU A 239 -8.32 -0.97 32.69
C GLU A 239 -9.65 -1.52 32.24
N LYS A 240 -10.12 -1.14 31.06
CA LYS A 240 -11.50 -1.40 30.67
C LYS A 240 -11.67 -1.93 29.25
N TYR A 241 -10.68 -1.78 28.38
CA TYR A 241 -10.80 -2.17 26.97
C TYR A 241 -9.72 -3.20 26.61
N CYS A 242 -10.06 -4.05 25.65
CA CYS A 242 -9.09 -5.00 25.10
C CYS A 242 -8.33 -4.31 23.98
N ILE A 243 -7.17 -3.76 24.31
CA ILE A 243 -6.38 -2.94 23.40
C ILE A 243 -5.28 -3.80 22.78
N PHE A 244 -5.14 -3.73 21.45
CA PHE A 244 -4.09 -4.45 20.74
C PHE A 244 -2.71 -3.88 21.05
N ALA A 245 -1.73 -4.76 21.13
CA ALA A 245 -0.33 -4.39 21.28
C ALA A 245 0.51 -5.13 20.25
N ASN A 246 1.72 -4.64 20.02
CA ASN A 246 2.54 -5.14 18.92
C ASN A 246 4.02 -5.10 19.29
N PHE A 247 4.77 -5.98 18.63
CA PHE A 247 6.22 -5.84 18.47
C PHE A 247 6.48 -5.05 17.20
N SER A 248 7.25 -3.97 17.29
CA SER A 248 7.75 -3.26 16.13
C SER A 248 9.20 -3.69 15.90
N VAL A 249 9.47 -4.24 14.70
CA VAL A 249 10.76 -4.85 14.41
C VAL A 249 11.40 -4.32 13.13
N THR A 250 10.74 -3.40 12.42
CA THR A 250 11.30 -2.95 11.15
C THR A 250 12.52 -2.05 11.35
N GLY A 251 12.52 -1.24 12.40
CA GLY A 251 13.68 -0.45 12.75
C GLY A 251 14.22 -0.84 14.10
N GLY A 252 14.13 0.05 15.08
CA GLY A 252 14.39 -0.34 16.44
C GLY A 252 13.36 -1.32 16.95
N LYS A 253 13.74 -2.09 17.97
CA LYS A 253 12.85 -3.10 18.54
C LYS A 253 11.98 -2.45 19.60
N TRP A 254 10.77 -2.06 19.22
CA TRP A 254 9.86 -1.39 20.13
C TRP A 254 8.69 -2.29 20.53
N ILE A 255 8.01 -1.87 21.59
CA ILE A 255 6.70 -2.38 21.97
C ILE A 255 5.70 -1.25 21.77
N VAL A 256 4.61 -1.52 21.05
CA VAL A 256 3.66 -0.48 20.67
C VAL A 256 2.28 -0.86 21.19
N SER A 257 1.56 0.12 21.76
CA SER A 257 0.23 -0.16 22.26
C SER A 257 -0.63 1.09 22.22
N GLY A 258 -1.94 0.88 22.19
CA GLY A 258 -2.88 1.95 22.38
C GLY A 258 -3.10 2.19 23.87
N SER A 259 -3.92 3.20 24.17
CA SER A 259 -4.17 3.53 25.56
C SER A 259 -5.53 4.19 25.69
N GLU A 260 -6.04 4.18 26.92
CA GLU A 260 -7.33 4.78 27.23
C GLU A 260 -7.22 6.27 27.55
N ASP A 261 -6.01 6.82 27.53
CA ASP A 261 -5.78 8.25 27.61
C ASP A 261 -5.64 8.90 26.23
N ASN A 262 -6.04 8.20 25.17
CA ASN A 262 -6.13 8.71 23.79
C ASN A 262 -4.77 8.81 23.11
N LEU A 263 -3.72 8.19 23.66
CA LEU A 263 -2.37 8.28 23.13
C LEU A 263 -1.91 6.93 22.62
N VAL A 264 -0.89 6.95 21.76
CA VAL A 264 -0.16 5.74 21.39
C VAL A 264 1.13 5.69 22.18
N TYR A 265 1.40 4.56 22.83
CA TYR A 265 2.62 4.40 23.62
C TYR A 265 3.62 3.50 22.89
N ILE A 266 4.89 3.92 22.89
CA ILE A 266 5.99 3.15 22.32
C ILE A 266 7.09 3.06 23.36
N TRP A 267 7.48 1.82 23.71
CA TRP A 267 8.53 1.51 24.66
C TRP A 267 9.73 0.88 23.95
N ASN A 268 10.90 1.04 24.57
CA ASN A 268 12.05 0.22 24.22
C ASN A 268 11.85 -1.18 24.79
N LEU A 269 11.88 -2.19 23.91
CA LEU A 269 11.62 -3.56 24.34
C LEU A 269 12.59 -3.99 25.43
N GLN A 270 13.85 -3.60 25.32
CA GLN A 270 14.86 -4.11 26.25
C GLN A 270 14.88 -3.32 27.54
N THR A 271 14.86 -2.00 27.47
CA THR A 271 15.00 -1.18 28.67
C THR A 271 13.69 -0.86 29.36
N LYS A 272 12.56 -1.01 28.65
CA LYS A 272 11.19 -0.80 29.13
C LYS A 272 10.85 0.68 29.26
N GLU A 273 11.73 1.58 28.82
CA GLU A 273 11.47 3.00 28.94
C GLU A 273 10.54 3.46 27.83
N ILE A 274 9.63 4.38 28.16
CA ILE A 274 8.77 4.97 27.16
C ILE A 274 9.62 5.84 26.24
N VAL A 275 9.65 5.50 24.95
CA VAL A 275 10.42 6.29 23.99
C VAL A 275 9.54 7.20 23.14
N GLN A 276 8.23 6.98 23.08
CA GLN A 276 7.40 7.96 22.39
C GLN A 276 5.95 7.84 22.81
N LYS A 277 5.27 8.99 22.84
CA LYS A 277 3.83 9.07 23.04
C LYS A 277 3.24 9.87 21.88
N LEU A 278 2.35 9.23 21.12
CA LEU A 278 1.77 9.81 19.92
C LEU A 278 0.42 10.43 20.26
N GLN A 279 0.34 11.74 20.05
CA GLN A 279 -0.80 12.58 20.39
C GLN A 279 -1.62 12.87 19.14
N GLY A 280 -2.94 12.99 19.33
CA GLY A 280 -3.80 13.38 18.24
C GLY A 280 -5.17 12.73 18.19
N HIS A 281 -5.30 11.50 18.68
CA HIS A 281 -6.62 10.89 18.76
C HIS A 281 -7.45 11.57 19.84
N THR A 282 -8.77 11.53 19.67
CA THR A 282 -9.69 12.18 20.59
C THR A 282 -10.59 11.19 21.31
N ASP A 283 -10.23 9.91 21.30
CA ASP A 283 -10.89 8.90 22.12
C ASP A 283 -9.90 7.77 22.34
N VAL A 284 -10.34 6.75 23.08
CA VAL A 284 -9.47 5.63 23.44
C VAL A 284 -8.86 5.05 22.17
N VAL A 285 -7.54 4.93 22.15
CA VAL A 285 -6.86 4.29 21.03
C VAL A 285 -6.99 2.79 21.27
N ILE A 286 -7.97 2.18 20.61
CA ILE A 286 -8.30 0.79 20.87
C ILE A 286 -7.38 -0.14 20.11
N SER A 287 -6.77 0.32 19.01
CA SER A 287 -6.02 -0.62 18.20
C SER A 287 -4.80 0.05 17.60
N THR A 288 -3.69 -0.68 17.57
CA THR A 288 -2.49 -0.29 16.83
C THR A 288 -1.97 -1.48 16.05
N ALA A 289 -1.27 -1.17 14.96
CA ALA A 289 -0.66 -2.18 14.10
C ALA A 289 0.63 -1.62 13.53
N CYS A 290 1.58 -2.51 13.27
CA CYS A 290 2.90 -2.15 12.77
C CYS A 290 3.08 -2.73 11.37
N HIS A 291 3.55 -1.90 10.45
CA HIS A 291 3.71 -2.31 9.05
C HIS A 291 4.78 -3.40 8.93
N PRO A 292 4.60 -4.38 8.03
CA PRO A 292 5.56 -5.49 7.96
C PRO A 292 6.96 -5.10 7.48
N THR A 293 7.13 -3.99 6.76
CA THR A 293 8.47 -3.68 6.23
C THR A 293 8.93 -2.25 6.53
N GLU A 294 8.01 -1.31 6.59
CA GLU A 294 8.32 0.09 6.85
C GLU A 294 8.03 0.44 8.32
N ASN A 295 8.72 1.47 8.81
CA ASN A 295 8.45 2.00 10.16
C ASN A 295 7.16 2.83 10.12
N ILE A 296 6.04 2.11 10.00
CA ILE A 296 4.73 2.73 9.88
C ILE A 296 3.81 2.13 10.93
N ILE A 297 3.09 3.00 11.64
CA ILE A 297 2.12 2.57 12.65
C ILE A 297 0.73 3.02 12.20
N ALA A 298 -0.25 2.13 12.35
CA ALA A 298 -1.64 2.49 12.20
C ALA A 298 -2.32 2.44 13.56
N SER A 299 -3.10 3.46 13.88
CA SER A 299 -3.82 3.52 15.14
C SER A 299 -5.29 3.82 14.87
N ALA A 300 -6.15 3.37 15.78
CA ALA A 300 -7.57 3.61 15.63
C ALA A 300 -8.23 3.72 17.01
N ALA A 301 -9.30 4.51 17.03
CA ALA A 301 -9.94 5.03 18.24
C ALA A 301 -11.45 4.84 18.22
N LEU A 302 -12.05 5.10 19.38
CA LEU A 302 -13.42 4.74 19.71
C LEU A 302 -14.40 5.87 19.33
N GLU A 303 -15.62 5.79 19.90
CA GLU A 303 -16.80 6.50 19.37
C GLU A 303 -16.59 7.99 19.17
N ASN A 304 -15.91 8.67 20.11
CA ASN A 304 -15.77 10.11 19.93
C ASN A 304 -14.83 10.48 18.78
N ASP A 305 -14.05 9.53 18.28
CA ASP A 305 -13.05 9.80 17.25
C ASP A 305 -13.39 9.13 15.93
N LYS A 306 -13.52 7.81 15.92
CA LYS A 306 -13.91 6.99 14.77
C LYS A 306 -12.92 7.05 13.61
N THR A 307 -11.71 7.55 13.81
CA THR A 307 -10.75 7.65 12.71
C THR A 307 -9.58 6.71 12.92
N ILE A 308 -8.83 6.55 11.83
CA ILE A 308 -7.58 5.81 11.79
C ILE A 308 -6.49 6.80 11.42
N LYS A 309 -5.35 6.72 12.11
CA LYS A 309 -4.21 7.58 11.83
C LYS A 309 -3.02 6.73 11.46
N LEU A 310 -2.29 7.17 10.43
CA LEU A 310 -1.07 6.52 9.97
C LEU A 310 0.12 7.39 10.31
N TRP A 311 1.18 6.78 10.85
CA TRP A 311 2.33 7.48 11.39
C TRP A 311 3.60 6.88 10.80
N LYS A 312 4.60 7.74 10.58
CA LYS A 312 5.85 7.34 9.94
C LYS A 312 7.05 7.78 10.77
N SER A 313 8.04 6.89 10.89
CA SER A 313 9.27 7.16 11.64
C SER A 313 10.50 6.79 10.82
N ASP A 314 11.61 7.47 11.12
CA ASP A 314 12.88 7.19 10.47
C ASP A 314 13.60 5.97 11.03
N CYS A 315 13.22 5.51 12.22
CA CYS A 315 13.78 4.29 12.78
C CYS A 315 12.75 3.59 13.68
N MET B 1 -19.20 -6.20 21.79
CA MET B 1 -18.31 -5.36 21.00
C MET B 1 -17.07 -4.97 21.81
N ARG B 2 -15.91 -5.12 21.18
CA ARG B 2 -14.67 -4.61 21.76
C ARG B 2 -14.76 -3.11 22.04
N THR B 3 -15.52 -2.38 21.22
CA THR B 3 -15.66 -0.94 21.34
C THR B 3 -16.44 -0.51 22.59
N ALA B 4 -16.96 -1.46 23.35
CA ALA B 4 -17.71 -1.14 24.56
C ALA B 4 -17.00 -1.68 25.81
N VAL C 12 -21.45 1.88 -23.19
CA VAL C 12 -21.01 2.91 -22.26
C VAL C 12 -19.73 3.56 -22.77
N LYS C 13 -19.69 4.89 -22.77
CA LYS C 13 -18.54 5.64 -23.23
C LYS C 13 -18.33 6.86 -22.35
N PRO C 14 -17.09 7.33 -22.23
CA PRO C 14 -16.83 8.57 -21.48
C PRO C 14 -17.06 9.80 -22.34
N ASN C 15 -17.12 10.94 -21.68
CA ASN C 15 -17.40 12.22 -22.33
C ASN C 15 -16.43 13.29 -21.84
N TYR C 16 -15.15 12.96 -21.82
CA TYR C 16 -14.12 13.93 -21.44
C TYR C 16 -14.23 15.18 -22.29
N ALA C 17 -14.30 16.32 -21.62
CA ALA C 17 -14.34 17.61 -22.28
C ALA C 17 -13.25 18.50 -21.68
N LEU C 18 -12.72 19.39 -22.52
CA LEU C 18 -11.62 20.25 -22.10
C LEU C 18 -12.11 21.27 -21.08
N LYS C 19 -11.38 21.39 -19.98
CA LYS C 19 -11.71 22.34 -18.93
C LYS C 19 -10.69 23.46 -18.77
N PHE C 20 -9.40 23.16 -18.91
CA PHE C 20 -8.36 24.18 -18.81
C PHE C 20 -7.21 23.84 -19.73
N THR C 21 -6.51 24.89 -20.18
CA THR C 21 -5.24 24.77 -20.87
C THR C 21 -4.21 25.53 -20.05
N LEU C 22 -3.14 24.85 -19.65
CA LEU C 22 -2.12 25.43 -18.78
C LEU C 22 -0.87 25.72 -19.58
N ALA C 23 -0.48 26.99 -19.62
CA ALA C 23 0.65 27.45 -20.39
C ALA C 23 1.74 27.97 -19.46
N GLY C 24 2.98 27.96 -19.95
CA GLY C 24 4.10 28.42 -19.15
C GLY C 24 5.44 27.73 -19.39
N HIS C 25 5.44 26.48 -19.84
CA HIS C 25 6.70 25.88 -20.25
C HIS C 25 7.20 26.53 -21.53
N THR C 26 8.51 26.77 -21.62
CA THR C 26 9.10 27.45 -22.76
C THR C 26 9.64 26.49 -23.81
N LYS C 27 9.64 25.20 -23.54
CA LYS C 27 9.93 24.18 -24.54
C LYS C 27 8.88 23.08 -24.41
N ALA C 28 9.04 22.03 -25.20
CA ALA C 28 8.11 20.91 -25.16
C ALA C 28 8.00 20.34 -23.75
N VAL C 29 6.78 19.95 -23.38
CA VAL C 29 6.55 19.22 -22.13
C VAL C 29 6.87 17.75 -22.36
N SER C 30 7.42 17.09 -21.34
CA SER C 30 7.78 15.69 -21.44
C SER C 30 6.95 14.75 -20.58
N SER C 31 6.46 15.20 -19.42
CA SER C 31 5.73 14.31 -18.53
C SER C 31 4.85 15.12 -17.59
N VAL C 32 3.64 14.61 -17.34
CA VAL C 32 2.74 15.13 -16.31
C VAL C 32 2.30 13.96 -15.42
N LYS C 33 2.17 14.23 -14.13
CA LYS C 33 1.74 13.22 -13.15
C LYS C 33 0.89 13.88 -12.08
N PHE C 34 -0.23 13.27 -11.73
CA PHE C 34 -1.05 13.73 -10.61
C PHE C 34 -0.46 13.25 -9.30
N SER C 35 -0.47 14.13 -8.30
CA SER C 35 -0.05 13.73 -6.96
C SER C 35 -1.01 12.68 -6.42
N PRO C 36 -0.50 11.73 -5.63
CA PRO C 36 -1.39 10.69 -5.07
C PRO C 36 -2.52 11.22 -4.20
N ASN C 37 -2.37 12.38 -3.56
CA ASN C 37 -3.50 12.93 -2.81
C ASN C 37 -4.48 13.67 -3.69
N GLY C 38 -4.25 13.72 -5.00
CA GLY C 38 -5.18 14.34 -5.93
C GLY C 38 -5.12 15.84 -6.01
N GLU C 39 -4.26 16.48 -5.22
CA GLU C 39 -4.22 17.94 -5.12
C GLU C 39 -3.56 18.59 -6.32
N TRP C 40 -2.49 17.98 -6.84
CA TRP C 40 -1.55 18.67 -7.71
C TRP C 40 -1.30 17.88 -8.98
N LEU C 41 -0.94 18.61 -10.03
CA LEU C 41 -0.34 18.04 -11.22
C LEU C 41 1.06 18.60 -11.37
N ALA C 42 2.04 17.72 -11.51
CA ALA C 42 3.42 18.10 -11.77
C ALA C 42 3.72 17.88 -13.25
N SER C 43 4.52 18.77 -13.82
CA SER C 43 4.93 18.66 -15.21
C SER C 43 6.43 18.88 -15.32
N SER C 44 7.07 18.15 -16.22
CA SER C 44 8.49 18.32 -16.50
C SER C 44 8.67 18.71 -17.96
N SER C 45 9.81 19.34 -18.28
CA SER C 45 9.91 19.86 -19.64
C SER C 45 11.36 19.86 -20.12
N ALA C 46 11.52 19.95 -21.45
CA ALA C 46 12.83 20.16 -22.03
C ALA C 46 13.44 21.49 -21.62
N ASP C 47 12.63 22.41 -21.08
CA ASP C 47 13.12 23.71 -20.63
C ASP C 47 13.85 23.65 -19.30
N LYS C 48 14.17 22.43 -18.82
CA LYS C 48 14.92 22.16 -17.60
C LYS C 48 14.09 22.40 -16.34
N LEU C 49 12.77 22.60 -16.46
CA LEU C 49 11.94 23.02 -15.34
C LEU C 49 10.90 21.96 -14.99
N ILE C 50 10.51 21.99 -13.71
CA ILE C 50 9.32 21.30 -13.20
C ILE C 50 8.32 22.37 -12.79
N LYS C 51 7.06 22.18 -13.14
CA LYS C 51 6.02 23.11 -12.75
C LYS C 51 4.91 22.37 -12.02
N ILE C 52 4.38 23.02 -10.98
CA ILE C 52 3.33 22.46 -10.13
C ILE C 52 2.08 23.30 -10.31
N TRP C 53 0.95 22.62 -10.62
CA TRP C 53 -0.34 23.22 -10.92
C TRP C 53 -1.43 22.61 -10.03
N GLY C 54 -2.44 23.42 -9.73
CA GLY C 54 -3.61 22.90 -9.01
C GLY C 54 -4.39 21.92 -9.88
N ALA C 55 -4.63 20.73 -9.35
CA ALA C 55 -5.18 19.64 -10.16
C ALA C 55 -6.63 19.89 -10.60
N TYR C 56 -7.38 20.71 -9.85
CA TYR C 56 -8.80 20.86 -10.12
C TYR C 56 -9.16 22.16 -10.84
N ASP C 57 -8.42 23.24 -10.62
CA ASP C 57 -8.66 24.49 -11.31
C ASP C 57 -7.52 24.89 -12.24
N GLY C 58 -6.45 24.11 -12.30
CA GLY C 58 -5.37 24.41 -13.21
C GLY C 58 -4.50 25.59 -12.82
N LYS C 59 -4.66 26.12 -11.61
CA LYS C 59 -3.90 27.30 -11.21
C LYS C 59 -2.42 26.97 -11.12
N PHE C 60 -1.59 27.79 -11.75
CA PHE C 60 -0.13 27.61 -11.62
C PHE C 60 0.28 27.86 -10.19
N GLU C 61 1.02 26.92 -9.61
CA GLU C 61 1.44 27.06 -8.23
C GLU C 61 2.91 27.44 -8.12
N LYS C 62 3.81 26.72 -8.80
CA LYS C 62 5.20 27.12 -8.68
C LYS C 62 6.07 26.46 -9.75
N THR C 63 7.30 26.96 -9.86
CA THR C 63 8.35 26.42 -10.70
C THR C 63 9.50 25.93 -9.82
N ILE C 64 10.01 24.76 -10.15
CA ILE C 64 11.13 24.12 -9.46
C ILE C 64 12.25 23.89 -10.47
N SER C 65 13.44 24.41 -10.15
CA SER C 65 14.54 24.44 -11.11
C SER C 65 15.83 24.00 -10.44
N GLY C 66 16.83 23.72 -11.28
CA GLY C 66 18.12 23.28 -10.80
C GLY C 66 18.81 22.28 -11.70
N HIS C 67 18.04 21.53 -12.50
CA HIS C 67 18.66 20.64 -13.46
C HIS C 67 19.40 21.43 -14.52
N LYS C 68 20.56 20.91 -14.94
CA LYS C 68 21.38 21.61 -15.92
C LYS C 68 20.93 21.37 -17.35
N LEU C 69 20.10 20.36 -17.58
CA LEU C 69 19.57 20.06 -18.91
C LEU C 69 18.11 19.65 -18.77
N GLY C 70 17.50 19.31 -19.89
CA GLY C 70 16.07 19.02 -19.89
C GLY C 70 15.73 17.79 -19.07
N ILE C 71 14.44 17.68 -18.74
CA ILE C 71 13.91 16.63 -17.88
C ILE C 71 12.92 15.81 -18.69
N SER C 72 13.09 14.48 -18.67
CA SER C 72 12.22 13.60 -19.43
C SER C 72 11.11 12.96 -18.60
N ASP C 73 11.22 12.97 -17.27
CA ASP C 73 10.22 12.30 -16.45
C ASP C 73 10.24 12.86 -15.04
N VAL C 74 9.12 12.67 -14.33
CA VAL C 74 8.95 13.13 -12.96
C VAL C 74 7.98 12.17 -12.26
N ALA C 75 8.14 12.03 -10.94
CA ALA C 75 7.31 11.10 -10.20
C ALA C 75 7.15 11.55 -8.75
N TRP C 76 6.02 11.19 -8.15
CA TRP C 76 5.63 11.61 -6.80
C TRP C 76 5.90 10.51 -5.78
N SER C 77 6.27 10.94 -4.57
CA SER C 77 6.24 10.02 -3.45
C SER C 77 4.79 9.75 -3.05
N SER C 78 4.58 8.66 -2.30
CA SER C 78 3.22 8.27 -1.95
C SER C 78 2.52 9.30 -1.09
N ASP C 79 3.27 10.01 -0.24
CA ASP C 79 2.68 11.02 0.63
C ASP C 79 2.57 12.39 -0.03
N SER C 80 2.87 12.50 -1.32
CA SER C 80 2.75 13.70 -2.13
C SER C 80 3.69 14.82 -1.69
N ASN C 81 4.69 14.51 -0.87
CA ASN C 81 5.59 15.54 -0.36
C ASN C 81 6.89 15.64 -1.13
N LEU C 82 7.24 14.64 -1.93
CA LEU C 82 8.50 14.62 -2.67
C LEU C 82 8.25 14.41 -4.15
N LEU C 83 9.15 14.94 -4.97
CA LEU C 83 9.21 14.61 -6.39
C LEU C 83 10.59 14.06 -6.71
N VAL C 84 10.65 13.21 -7.74
CA VAL C 84 11.91 12.82 -8.34
C VAL C 84 11.85 13.16 -9.82
N SER C 85 12.96 13.66 -10.35
CA SER C 85 13.05 14.04 -11.76
C SER C 85 14.25 13.36 -12.39
N ALA C 86 14.10 13.00 -13.67
CA ALA C 86 15.12 12.33 -14.46
C ALA C 86 15.51 13.22 -15.63
N SER C 87 16.81 13.47 -15.79
CA SER C 87 17.29 14.53 -16.67
C SER C 87 18.40 14.07 -17.59
N ASP C 88 18.54 14.80 -18.70
CA ASP C 88 19.63 14.59 -19.63
C ASP C 88 20.99 14.96 -19.06
N ASP C 89 21.03 15.67 -17.92
CA ASP C 89 22.29 15.94 -17.25
C ASP C 89 22.83 14.72 -16.51
N LYS C 90 22.27 13.53 -16.77
CA LYS C 90 22.68 12.24 -16.23
C LYS C 90 22.34 12.04 -14.77
N THR C 91 21.62 12.95 -14.13
CA THR C 91 21.28 12.79 -12.73
C THR C 91 19.77 12.67 -12.56
N LEU C 92 19.38 12.14 -11.41
CA LEU C 92 18.03 12.33 -10.90
C LEU C 92 18.11 13.33 -9.75
N LYS C 93 17.00 14.01 -9.50
CA LYS C 93 16.97 14.91 -8.36
C LYS C 93 15.71 14.65 -7.54
N ILE C 94 15.87 14.60 -6.22
CA ILE C 94 14.78 14.50 -5.27
C ILE C 94 14.52 15.87 -4.68
N TRP C 95 13.26 16.32 -4.77
CA TRP C 95 12.80 17.65 -4.44
C TRP C 95 11.76 17.62 -3.34
N ASP C 96 11.88 18.56 -2.40
CA ASP C 96 10.82 18.90 -1.46
C ASP C 96 9.79 19.81 -2.14
N VAL C 97 8.55 19.34 -2.24
CA VAL C 97 7.55 20.04 -3.04
C VAL C 97 7.21 21.40 -2.42
N SER C 98 7.01 21.44 -1.10
CA SER C 98 6.55 22.68 -0.47
C SER C 98 7.62 23.77 -0.56
N SER C 99 8.88 23.42 -0.34
CA SER C 99 9.95 24.40 -0.37
C SER C 99 10.58 24.58 -1.75
N GLY C 100 10.42 23.60 -2.63
CA GLY C 100 11.06 23.66 -3.93
C GLY C 100 12.54 23.36 -3.92
N LYS C 101 13.10 22.94 -2.80
CA LYS C 101 14.54 22.74 -2.66
C LYS C 101 14.93 21.35 -3.13
N CYS C 102 16.10 21.26 -3.76
CA CYS C 102 16.65 19.97 -4.18
C CYS C 102 17.22 19.26 -2.96
N LEU C 103 16.54 18.21 -2.50
CA LEU C 103 17.04 17.48 -1.34
C LEU C 103 18.23 16.60 -1.69
N LYS C 104 18.17 15.91 -2.83
CA LYS C 104 19.27 15.03 -3.18
C LYS C 104 19.49 15.04 -4.69
N THR C 105 20.75 14.82 -5.09
CA THR C 105 21.09 14.61 -6.48
C THR C 105 21.69 13.22 -6.62
N LEU C 106 21.06 12.39 -7.44
CA LEU C 106 21.42 10.98 -7.58
C LEU C 106 22.26 10.84 -8.85
N LYS C 107 23.56 10.60 -8.67
CA LYS C 107 24.53 10.48 -9.73
C LYS C 107 25.03 9.05 -9.82
N GLY C 108 25.40 8.64 -11.03
CA GLY C 108 25.83 7.28 -11.31
C GLY C 108 25.45 6.78 -12.69
N HIS C 109 24.36 7.28 -13.25
CA HIS C 109 24.07 7.00 -14.65
C HIS C 109 25.09 7.71 -15.52
N SER C 110 25.48 7.08 -16.63
CA SER C 110 26.50 7.62 -17.51
C SER C 110 25.94 8.18 -18.81
N ASN C 111 24.63 8.35 -18.89
CA ASN C 111 23.96 8.93 -20.06
C ASN C 111 22.64 9.51 -19.58
N TYR C 112 21.80 9.94 -20.52
CA TYR C 112 20.52 10.55 -20.16
C TYR C 112 19.73 9.64 -19.24
N VAL C 113 19.14 10.21 -18.20
CA VAL C 113 18.14 9.51 -17.40
C VAL C 113 16.78 9.81 -18.00
N PHE C 114 16.04 8.76 -18.35
CA PHE C 114 14.85 8.86 -19.17
C PHE C 114 13.55 8.67 -18.39
N CYS C 115 13.56 7.87 -17.33
CA CYS C 115 12.34 7.49 -16.62
C CYS C 115 12.64 7.24 -15.14
N CYS C 116 11.62 7.43 -14.30
CA CYS C 116 11.80 7.27 -12.86
C CYS C 116 10.46 6.99 -12.19
N ASN C 117 10.53 6.36 -11.01
CA ASN C 117 9.34 6.06 -10.23
C ASN C 117 9.74 5.74 -8.80
N PHE C 118 8.94 6.21 -7.83
CA PHE C 118 9.01 5.73 -6.45
C PHE C 118 8.32 4.38 -6.33
N ASN C 119 8.76 3.57 -5.38
CA ASN C 119 7.96 2.42 -5.00
C ASN C 119 6.83 2.91 -4.08
N PRO C 120 5.80 2.10 -3.86
CA PRO C 120 4.70 2.57 -3.00
C PRO C 120 5.17 2.98 -1.61
N GLN C 121 6.08 2.22 -1.01
CA GLN C 121 6.67 2.61 0.28
C GLN C 121 7.35 3.98 0.19
N SER C 122 7.92 4.30 -0.97
CA SER C 122 8.64 5.54 -1.24
C SER C 122 9.96 5.64 -0.48
N ASN C 123 10.51 4.51 -0.05
CA ASN C 123 11.89 4.45 0.41
C ASN C 123 12.87 4.17 -0.73
N LEU C 124 12.38 3.84 -1.93
CA LEU C 124 13.24 3.55 -3.07
C LEU C 124 12.82 4.36 -4.29
N ILE C 125 13.79 4.63 -5.18
CA ILE C 125 13.49 5.15 -6.50
C ILE C 125 14.13 4.23 -7.54
N VAL C 126 13.37 3.92 -8.59
CA VAL C 126 13.90 3.16 -9.73
C VAL C 126 14.03 4.11 -10.90
N SER C 127 15.10 3.95 -11.67
CA SER C 127 15.38 4.83 -12.79
C SER C 127 15.86 4.01 -13.98
N GLY C 128 15.53 4.50 -15.17
CA GLY C 128 16.00 3.90 -16.40
C GLY C 128 16.73 4.95 -17.23
N SER C 129 17.73 4.49 -17.98
CA SER C 129 18.61 5.43 -18.65
C SER C 129 18.95 4.97 -20.05
N PHE C 130 19.43 5.93 -20.84
CA PHE C 130 19.99 5.62 -22.14
C PHE C 130 21.29 4.82 -22.01
N ASP C 131 21.90 4.78 -20.83
CA ASP C 131 23.07 3.92 -20.61
C ASP C 131 22.70 2.43 -20.51
N GLU C 132 21.43 2.13 -20.78
CA GLU C 132 20.87 0.79 -20.89
C GLU C 132 20.69 0.10 -19.54
N SER C 133 20.91 0.79 -18.43
CA SER C 133 20.84 0.18 -17.11
C SER C 133 19.60 0.65 -16.35
N VAL C 134 19.23 -0.14 -15.34
CA VAL C 134 18.17 0.24 -14.39
C VAL C 134 18.80 0.37 -13.02
N ARG C 135 18.54 1.48 -12.33
CA ARG C 135 19.17 1.73 -11.04
C ARG C 135 18.14 1.86 -9.94
N ILE C 136 18.45 1.27 -8.78
CA ILE C 136 17.62 1.37 -7.59
C ILE C 136 18.38 2.17 -6.54
N TRP C 137 17.72 3.23 -6.05
CA TRP C 137 18.30 4.27 -5.21
C TRP C 137 17.59 4.32 -3.86
N ASP C 138 18.38 4.65 -2.83
CA ASP C 138 17.86 4.88 -1.49
C ASP C 138 17.38 6.32 -1.38
N VAL C 139 16.11 6.50 -1.04
CA VAL C 139 15.57 7.85 -0.97
C VAL C 139 16.22 8.64 0.16
N LYS C 140 16.37 8.02 1.33
CA LYS C 140 16.83 8.75 2.51
C LYS C 140 18.25 9.26 2.33
N THR C 141 19.13 8.43 1.78
CA THR C 141 20.54 8.78 1.62
C THR C 141 20.92 9.21 0.22
N GLY C 142 20.12 8.89 -0.80
CA GLY C 142 20.47 9.20 -2.16
C GLY C 142 21.53 8.32 -2.76
N LYS C 143 21.92 7.23 -2.10
CA LYS C 143 22.93 6.34 -2.63
C LYS C 143 22.30 5.31 -3.58
N CYS C 144 23.07 4.93 -4.58
CA CYS C 144 22.65 3.86 -5.49
C CYS C 144 22.76 2.52 -4.77
N LEU C 145 21.64 1.82 -4.64
CA LEU C 145 21.63 0.52 -3.97
C LEU C 145 21.93 -0.61 -4.94
N LYS C 146 21.41 -0.53 -6.17
CA LYS C 146 21.68 -1.58 -7.14
C LYS C 146 21.73 -1.02 -8.55
N THR C 147 22.61 -1.58 -9.36
CA THR C 147 22.67 -1.31 -10.80
C THR C 147 22.42 -2.61 -11.54
N LEU C 148 21.33 -2.67 -12.28
CA LEU C 148 20.93 -3.82 -13.06
C LEU C 148 21.31 -3.61 -14.51
N PRO C 149 22.07 -4.55 -15.09
CA PRO C 149 22.35 -4.51 -16.55
C PRO C 149 21.10 -4.96 -17.30
N ALA C 150 20.10 -4.08 -17.30
CA ALA C 150 18.74 -4.51 -17.59
C ALA C 150 18.53 -4.79 -19.07
N HIS C 151 19.23 -4.07 -19.95
CA HIS C 151 18.87 -4.05 -21.36
C HIS C 151 20.10 -3.79 -22.21
N SER C 152 19.96 -4.02 -23.51
CA SER C 152 21.00 -3.73 -24.50
C SER C 152 20.64 -2.55 -25.38
N ASP C 153 19.72 -1.70 -24.93
CA ASP C 153 19.35 -0.47 -25.62
C ASP C 153 18.79 0.48 -24.59
N PRO C 154 18.55 1.74 -24.95
CA PRO C 154 18.04 2.69 -23.96
C PRO C 154 16.76 2.19 -23.29
N VAL C 155 16.63 2.48 -22.01
CA VAL C 155 15.49 2.04 -21.20
C VAL C 155 14.42 3.11 -21.24
N SER C 156 13.23 2.75 -21.72
CA SER C 156 12.18 3.71 -21.99
C SER C 156 11.22 3.91 -20.82
N ALA C 157 11.07 2.93 -19.92
CA ALA C 157 10.15 3.05 -18.80
C ALA C 157 10.55 2.11 -17.69
N VAL C 158 10.22 2.51 -16.45
CA VAL C 158 10.39 1.68 -15.25
C VAL C 158 9.21 1.92 -14.33
N HIS C 159 8.73 0.86 -13.68
CA HIS C 159 7.55 0.97 -12.83
C HIS C 159 7.55 -0.13 -11.78
N PHE C 160 7.17 0.22 -10.55
CA PHE C 160 6.97 -0.75 -9.47
C PHE C 160 5.55 -1.26 -9.46
N ASN C 161 5.36 -2.47 -8.95
CA ASN C 161 4.00 -2.94 -8.73
C ASN C 161 3.48 -2.33 -7.43
N ARG C 162 2.22 -2.61 -7.10
CA ARG C 162 1.57 -1.89 -6.00
C ARG C 162 2.05 -2.32 -4.63
N ASP C 163 2.76 -3.44 -4.51
CA ASP C 163 3.41 -3.77 -3.25
C ASP C 163 4.91 -3.50 -3.26
N GLY C 164 5.46 -3.11 -4.41
CA GLY C 164 6.88 -2.77 -4.51
C GLY C 164 7.82 -3.95 -4.57
N SER C 165 7.29 -5.17 -4.63
CA SER C 165 8.12 -6.36 -4.71
C SER C 165 8.68 -6.60 -6.11
N LEU C 166 8.09 -5.97 -7.14
CA LEU C 166 8.50 -6.17 -8.52
C LEU C 166 8.75 -4.83 -9.21
N ILE C 167 9.66 -4.87 -10.20
CA ILE C 167 9.93 -3.76 -11.11
C ILE C 167 9.73 -4.27 -12.53
N VAL C 168 9.10 -3.48 -13.38
CA VAL C 168 9.05 -3.78 -14.82
C VAL C 168 9.81 -2.70 -15.58
N SER C 169 10.58 -3.13 -16.56
CA SER C 169 11.34 -2.23 -17.41
C SER C 169 11.11 -2.57 -18.88
N SER C 170 11.26 -1.55 -19.72
CA SER C 170 11.09 -1.67 -21.16
C SER C 170 12.26 -0.98 -21.86
N SER C 171 12.53 -1.39 -23.09
CA SER C 171 13.69 -0.84 -23.79
C SER C 171 13.47 -0.88 -25.28
N TYR C 172 14.27 -0.05 -25.99
CA TYR C 172 14.30 -0.12 -27.44
C TYR C 172 14.81 -1.48 -27.94
N ASP C 173 15.43 -2.27 -27.05
CA ASP C 173 15.90 -3.59 -27.47
C ASP C 173 14.76 -4.55 -27.76
N GLY C 174 13.51 -4.19 -27.45
CA GLY C 174 12.35 -5.00 -27.74
C GLY C 174 11.87 -5.87 -26.60
N LEU C 175 12.46 -5.77 -25.42
CA LEU C 175 12.14 -6.63 -24.30
C LEU C 175 11.32 -5.90 -23.25
N CYS C 176 10.48 -6.65 -22.54
CA CYS C 176 9.94 -6.22 -21.25
C CYS C 176 10.48 -7.16 -20.17
N ARG C 177 10.99 -6.61 -19.07
CA ARG C 177 11.57 -7.47 -18.04
C ARG C 177 10.96 -7.18 -16.68
N ILE C 178 10.68 -8.25 -15.94
CA ILE C 178 10.18 -8.21 -14.58
C ILE C 178 11.29 -8.64 -13.66
N TRP C 179 11.57 -7.81 -12.64
CA TRP C 179 12.67 -7.93 -11.70
C TRP C 179 12.16 -8.03 -10.27
N ASP C 180 12.78 -8.92 -9.51
CA ASP C 180 12.60 -8.96 -8.07
C ASP C 180 13.28 -7.76 -7.42
N THR C 181 12.50 -6.91 -6.76
CA THR C 181 13.07 -5.69 -6.20
C THR C 181 14.13 -5.98 -5.13
N ALA C 182 13.83 -6.93 -4.23
CA ALA C 182 14.71 -7.16 -3.09
C ALA C 182 16.06 -7.69 -3.54
N SER C 183 16.09 -8.57 -4.53
CA SER C 183 17.31 -9.21 -4.98
C SER C 183 17.87 -8.64 -6.27
N GLY C 184 17.06 -7.96 -7.07
CA GLY C 184 17.51 -7.46 -8.34
C GLY C 184 17.56 -8.48 -9.45
N GLN C 185 17.12 -9.72 -9.19
CA GLN C 185 17.18 -10.78 -10.19
C GLN C 185 16.01 -10.67 -11.16
N CYS C 186 16.28 -10.99 -12.44
CA CYS C 186 15.25 -10.96 -13.47
C CYS C 186 14.32 -12.17 -13.32
N LEU C 187 13.05 -11.89 -13.01
CA LEU C 187 12.06 -12.96 -12.90
C LEU C 187 11.44 -13.35 -14.24
N LYS C 188 11.32 -12.40 -15.18
CA LYS C 188 10.66 -12.77 -16.43
C LYS C 188 11.10 -11.83 -17.55
N THR C 189 11.25 -12.39 -18.74
CA THR C 189 11.48 -11.60 -19.94
C THR C 189 10.38 -11.90 -20.95
N LEU C 190 9.72 -10.85 -21.42
CA LEU C 190 8.71 -10.94 -22.47
C LEU C 190 9.33 -10.47 -23.78
N ILE C 191 9.30 -11.39 -24.77
CA ILE C 191 9.74 -11.17 -26.14
C ILE C 191 8.52 -11.31 -27.04
N ASP C 192 8.52 -10.63 -28.18
CA ASP C 192 7.36 -10.58 -29.07
C ASP C 192 7.83 -10.57 -30.51
N ASP C 193 7.59 -11.68 -31.22
CA ASP C 193 7.62 -11.72 -32.68
C ASP C 193 8.91 -11.15 -33.25
N ASP C 194 8.80 -9.98 -33.90
CA ASP C 194 9.91 -9.31 -34.55
C ASP C 194 10.43 -8.13 -33.74
N ASN C 195 10.41 -8.23 -32.42
CA ASN C 195 11.11 -7.35 -31.49
C ASN C 195 10.98 -5.87 -31.80
N PRO C 196 9.77 -5.31 -31.92
CA PRO C 196 9.64 -3.88 -32.09
C PRO C 196 10.04 -3.15 -30.82
N PRO C 197 10.63 -1.97 -30.93
CA PRO C 197 11.06 -1.25 -29.72
C PRO C 197 9.89 -1.00 -28.77
N VAL C 198 10.15 -1.21 -27.48
CA VAL C 198 9.16 -0.99 -26.42
C VAL C 198 9.42 0.38 -25.83
N SER C 199 8.45 1.28 -25.99
CA SER C 199 8.61 2.68 -25.63
C SER C 199 7.96 3.03 -24.29
N PHE C 200 7.15 2.15 -23.73
CA PHE C 200 6.50 2.41 -22.44
C PHE C 200 5.99 1.10 -21.87
N VAL C 201 5.96 1.02 -20.54
CA VAL C 201 5.44 -0.15 -19.84
C VAL C 201 5.01 0.28 -18.45
N LYS C 202 3.97 -0.38 -17.93
CA LYS C 202 3.56 -0.14 -16.55
C LYS C 202 2.62 -1.24 -16.08
N PHE C 203 2.68 -1.51 -14.77
CA PHE C 203 1.83 -2.53 -14.18
C PHE C 203 0.37 -2.06 -14.13
N SER C 204 -0.54 -3.02 -14.23
CA SER C 204 -1.94 -2.76 -13.95
C SER C 204 -2.12 -2.55 -12.45
N PRO C 205 -3.19 -1.88 -12.04
CA PRO C 205 -3.43 -1.70 -10.59
C PRO C 205 -3.47 -3.00 -9.80
N ASN C 206 -3.98 -4.10 -10.38
CA ASN C 206 -4.00 -5.36 -9.65
C ASN C 206 -2.65 -6.08 -9.67
N GLY C 207 -1.72 -5.62 -10.51
CA GLY C 207 -0.39 -6.18 -10.59
C GLY C 207 -0.26 -7.46 -11.36
N LYS C 208 -1.34 -7.95 -11.98
CA LYS C 208 -1.28 -9.18 -12.74
C LYS C 208 -0.95 -8.96 -14.20
N TYR C 209 -1.21 -7.77 -14.73
CA TYR C 209 -0.98 -7.45 -16.13
C TYR C 209 -0.03 -6.28 -16.25
N ILE C 210 0.69 -6.24 -17.38
CA ILE C 210 1.48 -5.08 -17.75
C ILE C 210 0.96 -4.55 -19.08
N LEU C 211 0.83 -3.22 -19.15
CA LEU C 211 0.54 -2.53 -20.40
C LEU C 211 1.85 -2.08 -21.03
N ALA C 212 2.07 -2.48 -22.29
CA ALA C 212 3.31 -2.17 -22.99
C ALA C 212 3.00 -1.51 -24.32
N ALA C 213 3.65 -0.37 -24.59
CA ALA C 213 3.55 0.31 -25.88
C ALA C 213 4.77 0.00 -26.72
N THR C 214 4.54 -0.28 -28.01
CA THR C 214 5.64 -0.51 -28.94
C THR C 214 5.58 0.47 -30.09
N LEU C 215 6.74 0.75 -30.68
CA LEU C 215 6.83 1.80 -31.70
C LEU C 215 6.37 1.29 -33.05
N ASP C 216 5.22 0.62 -33.06
CA ASP C 216 4.50 0.20 -34.27
C ASP C 216 3.02 0.51 -34.14
N ASN C 217 2.70 1.61 -33.44
CA ASN C 217 1.33 2.07 -33.26
C ASN C 217 0.47 1.03 -32.54
N THR C 218 1.04 0.41 -31.51
CA THR C 218 0.38 -0.70 -30.83
C THR C 218 0.59 -0.61 -29.32
N LEU C 219 -0.49 -0.86 -28.56
CA LEU C 219 -0.43 -1.12 -27.14
C LEU C 219 -0.89 -2.55 -26.88
N LYS C 220 -0.26 -3.23 -25.93
CA LYS C 220 -0.66 -4.59 -25.58
C LYS C 220 -0.80 -4.75 -24.07
N LEU C 221 -1.82 -5.50 -23.68
CA LEU C 221 -2.02 -5.90 -22.29
C LEU C 221 -1.62 -7.36 -22.16
N TRP C 222 -0.62 -7.62 -21.31
CA TRP C 222 0.05 -8.90 -21.14
C TRP C 222 -0.21 -9.47 -19.75
N ASP C 223 -0.36 -10.79 -19.70
CA ASP C 223 -0.18 -11.57 -18.47
C ASP C 223 1.26 -12.06 -18.47
N TYR C 224 2.10 -11.43 -17.65
CA TYR C 224 3.54 -11.68 -17.75
C TYR C 224 3.95 -13.03 -17.17
N SER C 225 3.21 -13.54 -16.18
CA SER C 225 3.54 -14.86 -15.64
C SER C 225 3.33 -15.97 -16.67
N LYS C 226 2.16 -15.95 -17.32
CA LYS C 226 1.83 -16.92 -18.37
C LYS C 226 2.62 -16.60 -19.62
N GLY C 227 2.90 -15.32 -19.81
CA GLY C 227 3.56 -14.82 -21.01
C GLY C 227 2.66 -14.55 -22.18
N LYS C 228 1.37 -14.32 -21.95
CA LYS C 228 0.38 -14.19 -23.00
C LYS C 228 -0.10 -12.75 -23.09
N CYS C 229 -0.23 -12.27 -24.32
CA CYS C 229 -0.87 -10.99 -24.57
C CYS C 229 -2.38 -11.22 -24.59
N LEU C 230 -3.10 -10.53 -23.73
CA LEU C 230 -4.55 -10.71 -23.68
C LEU C 230 -5.30 -9.67 -24.48
N LYS C 231 -4.75 -8.48 -24.65
CA LYS C 231 -5.46 -7.48 -25.44
C LYS C 231 -4.46 -6.65 -26.25
N THR C 232 -4.95 -6.08 -27.35
CA THR C 232 -4.20 -5.13 -28.15
C THR C 232 -5.09 -3.93 -28.45
N TYR C 233 -4.47 -2.75 -28.45
CA TYR C 233 -5.17 -1.48 -28.69
C TYR C 233 -4.43 -0.75 -29.80
N THR C 234 -5.15 -0.41 -30.87
CA THR C 234 -4.59 0.24 -32.05
C THR C 234 -5.51 1.36 -32.48
N GLY C 235 -5.13 2.02 -33.58
CA GLY C 235 -5.84 3.16 -34.12
C GLY C 235 -5.13 4.48 -33.90
N HIS C 236 -4.21 4.53 -32.96
CA HIS C 236 -3.37 5.70 -32.71
C HIS C 236 -2.07 5.59 -33.49
N LYS C 237 -1.29 6.67 -33.44
CA LYS C 237 0.01 6.73 -34.11
C LYS C 237 1.11 6.80 -33.05
N ASN C 238 1.98 5.80 -33.02
CA ASN C 238 3.12 5.81 -32.10
C ASN C 238 4.27 5.07 -32.78
N GLU C 239 5.21 5.83 -33.35
CA GLU C 239 6.32 5.26 -34.08
C GLU C 239 7.68 5.82 -33.68
N LYS C 240 7.74 6.97 -33.01
CA LYS C 240 9.02 7.64 -32.79
C LYS C 240 9.19 8.20 -31.39
N TYR C 241 8.12 8.31 -30.59
CA TYR C 241 8.19 8.93 -29.27
C TYR C 241 7.78 7.93 -28.20
N CYS C 242 8.37 8.07 -27.02
CA CYS C 242 8.02 7.25 -25.86
C CYS C 242 6.85 7.92 -25.16
N ILE C 243 5.64 7.49 -25.51
CA ILE C 243 4.41 8.12 -25.04
C ILE C 243 3.85 7.35 -23.84
N PHE C 244 3.51 8.08 -22.78
CA PHE C 244 2.91 7.49 -21.60
C PHE C 244 1.51 6.98 -21.88
N ALA C 245 1.15 5.87 -21.23
CA ALA C 245 -0.19 5.30 -21.28
C ALA C 245 -0.64 4.96 -19.86
N ASN C 246 -1.96 4.78 -19.69
CA ASN C 246 -2.55 4.64 -18.37
C ASN C 246 -3.74 3.69 -18.38
N PHE C 247 -3.99 3.10 -17.22
CA PHE C 247 -5.29 2.51 -16.88
C PHE C 247 -6.14 3.59 -16.20
N SER C 248 -7.33 3.84 -16.72
CA SER C 248 -8.30 4.70 -16.05
C SER C 248 -9.31 3.82 -15.32
N VAL C 249 -9.42 4.00 -14.00
CA VAL C 249 -10.18 3.11 -13.14
C VAL C 249 -11.18 3.84 -12.25
N THR C 250 -11.25 5.18 -12.32
CA THR C 250 -12.15 5.91 -11.43
C THR C 250 -13.61 5.75 -11.83
N GLY C 251 -13.88 5.66 -13.13
CA GLY C 251 -15.22 5.38 -13.61
C GLY C 251 -15.24 4.08 -14.39
N GLY C 252 -15.48 4.15 -15.69
CA GLY C 252 -15.27 3.00 -16.53
C GLY C 252 -13.80 2.62 -16.63
N LYS C 253 -13.55 1.36 -16.94
CA LYS C 253 -12.19 0.85 -17.04
C LYS C 253 -11.67 1.11 -18.45
N TRP C 254 -10.91 2.20 -18.61
CA TRP C 254 -10.39 2.58 -19.92
C TRP C 254 -8.88 2.41 -20.01
N ILE C 255 -8.39 2.43 -21.24
CA ILE C 255 -6.97 2.58 -21.55
C ILE C 255 -6.78 3.93 -22.21
N VAL C 256 -5.84 4.73 -21.70
CA VAL C 256 -5.64 6.10 -22.16
C VAL C 256 -4.22 6.29 -22.64
N SER C 257 -4.06 6.94 -23.78
CA SER C 257 -2.72 7.20 -24.30
C SER C 257 -2.68 8.47 -25.12
N GLY C 258 -1.49 9.04 -25.24
CA GLY C 258 -1.28 10.11 -26.19
C GLY C 258 -0.99 9.53 -27.55
N SER C 259 -0.81 10.42 -28.53
CA SER C 259 -0.56 9.97 -29.88
C SER C 259 0.23 11.04 -30.63
N GLU C 260 0.86 10.61 -31.72
CA GLU C 260 1.64 11.51 -32.55
C GLU C 260 0.79 12.22 -33.59
N ASP C 261 -0.50 11.94 -33.63
CA ASP C 261 -1.46 12.68 -34.44
C ASP C 261 -2.14 13.79 -33.66
N ASN C 262 -1.60 14.14 -32.48
CA ASN C 262 -2.00 15.28 -31.64
C ASN C 262 -3.29 15.01 -30.86
N LEU C 263 -3.74 13.76 -30.78
CA LEU C 263 -5.00 13.41 -30.12
C LEU C 263 -4.73 12.59 -28.88
N VAL C 264 -5.71 12.58 -27.98
CA VAL C 264 -5.73 11.65 -26.86
C VAL C 264 -6.66 10.50 -27.20
N TYR C 265 -6.18 9.26 -27.06
CA TYR C 265 -6.97 8.08 -27.38
C TYR C 265 -7.44 7.38 -26.10
N ILE C 266 -8.72 7.02 -26.07
CA ILE C 266 -9.32 6.28 -24.96
C ILE C 266 -10.02 5.07 -25.55
N TRP C 267 -9.62 3.88 -25.07
CA TRP C 267 -10.17 2.59 -25.46
C TRP C 267 -10.94 1.97 -24.29
N ASN C 268 -11.89 1.10 -24.64
CA ASN C 268 -12.48 0.18 -23.68
C ASN C 268 -11.47 -0.93 -23.41
N LEU C 269 -11.08 -1.10 -22.14
CA LEU C 269 -10.05 -2.08 -21.79
C LEU C 269 -10.45 -3.49 -22.22
N GLN C 270 -11.74 -3.82 -22.09
CA GLN C 270 -12.16 -5.20 -22.37
C GLN C 270 -12.37 -5.43 -23.86
N THR C 271 -13.08 -4.52 -24.53
CA THR C 271 -13.46 -4.73 -25.92
C THR C 271 -12.43 -4.22 -26.92
N LYS C 272 -11.52 -3.34 -26.49
CA LYS C 272 -10.44 -2.76 -27.29
C LYS C 272 -10.93 -1.71 -28.26
N GLU C 273 -12.21 -1.35 -28.21
CA GLU C 273 -12.75 -0.37 -29.14
C GLU C 273 -12.38 1.04 -28.68
N ILE C 274 -12.09 1.91 -29.65
CA ILE C 274 -11.85 3.31 -29.34
C ILE C 274 -13.15 3.94 -28.89
N VAL C 275 -13.19 4.42 -27.64
CA VAL C 275 -14.39 5.05 -27.13
C VAL C 275 -14.28 6.57 -27.12
N GLN C 276 -13.08 7.14 -27.26
CA GLN C 276 -13.02 8.58 -27.42
C GLN C 276 -11.68 9.02 -28.00
N LYS C 277 -11.73 10.09 -28.80
CA LYS C 277 -10.54 10.78 -29.29
C LYS C 277 -10.67 12.24 -28.91
N LEU C 278 -9.76 12.72 -28.06
CA LEU C 278 -9.82 14.08 -27.52
C LEU C 278 -8.95 14.99 -28.35
N GLN C 279 -9.60 15.99 -28.95
CA GLN C 279 -8.92 16.91 -29.88
C GLN C 279 -8.68 18.26 -29.22
N GLY C 280 -7.60 18.92 -29.61
CA GLY C 280 -7.29 20.23 -29.06
C GLY C 280 -5.81 20.55 -29.17
N HIS C 281 -4.97 19.56 -28.91
CA HIS C 281 -3.53 19.83 -28.90
C HIS C 281 -3.04 20.09 -30.33
N THR C 282 -1.95 20.85 -30.44
CA THR C 282 -1.39 21.24 -31.74
C THR C 282 -0.01 20.65 -31.97
N ASP C 283 0.37 19.64 -31.20
CA ASP C 283 1.59 18.88 -31.44
C ASP C 283 1.42 17.51 -30.80
N VAL C 284 2.44 16.67 -30.93
CA VAL C 284 2.39 15.31 -30.41
C VAL C 284 2.04 15.32 -28.94
N VAL C 285 1.01 14.56 -28.57
CA VAL C 285 0.61 14.41 -27.18
C VAL C 285 1.53 13.35 -26.56
N ILE C 286 2.57 13.80 -25.87
CA ILE C 286 3.61 12.90 -25.39
C ILE C 286 3.23 12.21 -24.09
N SER C 287 2.32 12.79 -23.31
CA SER C 287 2.04 12.29 -21.98
C SER C 287 0.57 12.51 -21.65
N THR C 288 -0.01 11.51 -20.99
CA THR C 288 -1.32 11.60 -20.36
C THR C 288 -1.21 11.01 -18.97
N ALA C 289 -2.09 11.46 -18.08
CA ALA C 289 -2.14 11.00 -16.71
C ALA C 289 -3.58 11.01 -16.24
N CYS C 290 -3.91 10.10 -15.32
CA CYS C 290 -5.27 9.91 -14.83
C CYS C 290 -5.35 10.28 -13.36
N HIS C 291 -6.36 11.06 -12.99
CA HIS C 291 -6.52 11.51 -11.61
C HIS C 291 -6.85 10.33 -10.69
N PRO C 292 -6.32 10.31 -9.47
CA PRO C 292 -6.50 9.14 -8.60
C PRO C 292 -7.93 8.92 -8.12
N THR C 293 -8.79 9.94 -8.10
CA THR C 293 -10.14 9.75 -7.57
C THR C 293 -11.24 10.25 -8.52
N GLU C 294 -10.97 11.30 -9.27
CA GLU C 294 -11.93 11.88 -10.20
C GLU C 294 -11.66 11.42 -11.62
N ASN C 295 -12.71 11.42 -12.45
CA ASN C 295 -12.56 11.13 -13.88
C ASN C 295 -11.96 12.36 -14.57
N ILE C 296 -10.67 12.57 -14.32
CA ILE C 296 -9.93 13.71 -14.83
C ILE C 296 -8.68 13.22 -15.54
N ILE C 297 -8.44 13.72 -16.75
CA ILE C 297 -7.25 13.38 -17.53
C ILE C 297 -6.43 14.65 -17.71
N ALA C 298 -5.12 14.53 -17.55
CA ALA C 298 -4.18 15.57 -17.93
C ALA C 298 -3.38 15.10 -19.13
N SER C 299 -3.20 15.98 -20.11
CA SER C 299 -2.45 15.67 -21.33
C SER C 299 -1.43 16.77 -21.58
N ALA C 300 -0.36 16.42 -22.30
CA ALA C 300 0.69 17.40 -22.57
C ALA C 300 1.32 17.12 -23.94
N ALA C 301 1.86 18.18 -24.56
CA ALA C 301 2.27 18.14 -25.95
C ALA C 301 3.65 18.74 -26.14
N LEU C 302 4.18 18.57 -27.36
CA LEU C 302 5.56 18.85 -27.72
C LEU C 302 5.72 20.29 -28.22
N GLU C 303 6.86 20.56 -28.88
CA GLU C 303 7.39 21.92 -29.08
C GLU C 303 6.38 22.90 -29.68
N ASN C 304 5.57 22.46 -30.65
CA ASN C 304 4.65 23.41 -31.28
C ASN C 304 3.50 23.81 -30.36
N ASP C 305 3.28 23.08 -29.27
CA ASP C 305 2.15 23.32 -28.38
C ASP C 305 2.60 23.81 -27.01
N LYS C 306 3.36 22.97 -26.28
CA LYS C 306 3.99 23.34 -24.98
C LYS C 306 2.98 23.51 -23.84
N THR C 307 1.75 23.09 -24.06
CA THR C 307 0.75 23.28 -23.03
C THR C 307 0.29 21.95 -22.43
N ILE C 308 -0.41 22.07 -21.31
CA ILE C 308 -1.06 20.96 -20.63
C ILE C 308 -2.55 21.23 -20.65
N LYS C 309 -3.33 20.21 -20.96
CA LYS C 309 -4.79 20.33 -20.98
C LYS C 309 -5.40 19.37 -19.98
N LEU C 310 -6.40 19.86 -19.25
CA LEU C 310 -7.14 19.07 -18.28
C LEU C 310 -8.53 18.80 -18.81
N TRP C 311 -9.00 17.57 -18.65
CA TRP C 311 -10.25 17.10 -19.22
C TRP C 311 -11.07 16.39 -18.16
N LYS C 312 -12.39 16.55 -18.23
CA LYS C 312 -13.32 16.00 -17.23
C LYS C 312 -14.42 15.19 -17.90
N SER C 313 -14.75 14.04 -17.30
CA SER C 313 -15.79 13.15 -17.82
C SER C 313 -16.76 12.75 -16.72
N ASP C 314 -18.00 12.46 -17.12
CA ASP C 314 -19.01 12.00 -16.17
C ASP C 314 -18.83 10.52 -15.82
N CYS C 315 -18.09 9.77 -16.61
CA CYS C 315 -17.78 8.37 -16.30
C CYS C 315 -16.42 7.98 -16.85
N MET D 1 16.68 13.63 -24.72
CA MET D 1 15.37 14.15 -24.36
C MET D 1 14.24 13.26 -24.91
N ARG D 2 13.26 12.96 -24.08
CA ARG D 2 12.07 12.26 -24.56
C ARG D 2 11.32 13.09 -25.61
N THR D 3 11.48 14.41 -25.57
CA THR D 3 10.84 15.31 -26.52
C THR D 3 11.45 15.22 -27.92
N ALA D 4 12.68 14.71 -28.04
CA ALA D 4 13.28 14.50 -29.36
C ALA D 4 13.08 13.05 -29.80
N GLY D 5 12.70 12.87 -31.05
CA GLY D 5 12.44 11.55 -31.58
C GLY D 5 13.64 10.87 -32.21
#